data_7D1E
#
_entry.id   7D1E
#
_cell.length_a   41.308
_cell.length_b   77.381
_cell.length_c   48.867
_cell.angle_alpha   90.000
_cell.angle_beta   114.540
_cell.angle_gamma   90.000
#
_symmetry.space_group_name_H-M   'P 1 21 1'
#
loop_
_entity.id
_entity.type
_entity.pdbx_description
1 polymer 'Leucine aminopeptidase'
2 non-polymer 'ZINC ION'
3 non-polymer N-[2-(1H-IMIDAZOL-4-YL)ETHYL]ACETAMIDE
4 water water
#
_entity_poly.entity_id   1
_entity_poly.type   'polypeptide(L)'
_entity_poly.pdbx_seq_one_letter_code
;GGGKATGTNEQSEKVVVNVPQFDADSAYLYVKNQVDFGPRVPNTKEHVACGNYLAGKLEAFGAKVTNQYADLIAYDGTLL
KARNIIGSYKPESKKRIALFAHWDTRPWADNDADEKNHHTPILGANDGASGVGALLEIARLVNQQQPELGIDIIFLDAED
YGTPQFYEGKHKEEAWCLGSQYWSRNPHVQGYNARFGILLDMVGGENSVFLKEGYSEEFAPDINKKVWKAAKKAGYGKTF
IDERGDTITDDHLFINRLARIKTIDIIPNDPETGFPPTWHTIHDNMDHIDKNTLKAVGQTVLEVIYNEK
;
_entity_poly.pdbx_strand_id   A
#
# COMPACT_ATOMS: atom_id res chain seq x y z
N ASN A 18 11.50 -23.39 -3.32
CA ASN A 18 12.40 -22.23 -3.68
C ASN A 18 11.64 -20.91 -3.82
N VAL A 19 11.71 -20.04 -2.82
CA VAL A 19 11.01 -18.74 -2.95
C VAL A 19 11.93 -17.79 -3.74
N PRO A 20 11.36 -17.07 -4.73
CA PRO A 20 12.12 -16.12 -5.52
C PRO A 20 12.80 -15.07 -4.65
N GLN A 21 13.90 -14.52 -5.15
CA GLN A 21 14.60 -13.45 -4.46
C GLN A 21 14.11 -12.07 -4.96
N PHE A 22 13.54 -11.30 -4.04
CA PHE A 22 13.13 -9.91 -4.28
C PHE A 22 14.32 -9.06 -4.67
N ASP A 23 14.24 -8.36 -5.79
CA ASP A 23 15.36 -7.52 -6.27
C ASP A 23 15.10 -6.08 -5.82
N ALA A 24 15.89 -5.63 -4.87
CA ALA A 24 15.75 -4.29 -4.26
C ALA A 24 16.03 -3.16 -5.24
N ASP A 25 16.96 -3.35 -6.16
CA ASP A 25 17.27 -2.32 -7.18
C ASP A 25 16.10 -2.12 -8.11
N SER A 26 15.48 -3.22 -8.51
CA SER A 26 14.31 -3.15 -9.39
C SER A 26 13.11 -2.45 -8.69
N ALA A 27 12.80 -2.89 -7.48
CA ALA A 27 11.73 -2.24 -6.68
C ALA A 27 11.99 -0.74 -6.49
N TYR A 28 13.24 -0.39 -6.14
CA TYR A 28 13.64 1.00 -5.98
C TYR A 28 13.39 1.83 -7.26
N LEU A 29 13.70 1.25 -8.42
CA LEU A 29 13.39 1.90 -9.68
C LEU A 29 11.89 2.14 -9.87
N TYR A 30 11.04 1.18 -9.52
CA TYR A 30 9.59 1.36 -9.67
C TYR A 30 9.07 2.48 -8.76
N VAL A 31 9.68 2.61 -7.57
CA VAL A 31 9.37 3.70 -6.65
C VAL A 31 9.78 5.04 -7.28
N LYS A 32 11.04 5.14 -7.73
CA LYS A 32 11.54 6.34 -8.40
C LYS A 32 10.73 6.77 -9.63
N ASN A 33 10.35 5.82 -10.49
CA ASN A 33 9.53 6.11 -11.68
C ASN A 33 8.19 6.79 -11.34
N GLN A 34 7.54 6.35 -10.27
CA GLN A 34 6.30 6.99 -9.82
C GLN A 34 6.54 8.41 -9.34
N VAL A 35 7.57 8.58 -8.52
CA VAL A 35 7.94 9.88 -7.97
C VAL A 35 8.35 10.83 -9.10
N ASP A 36 8.92 10.29 -10.17
CA ASP A 36 9.31 11.12 -11.35
C ASP A 36 8.12 11.73 -12.12
N PHE A 37 6.91 11.23 -11.97
CA PHE A 37 5.75 11.96 -12.47
C PHE A 37 5.46 13.26 -11.72
N GLY A 38 6.04 13.48 -10.54
CA GLY A 38 5.58 14.55 -9.65
C GLY A 38 4.50 13.99 -8.71
N PRO A 39 3.86 14.86 -7.92
CA PRO A 39 2.79 14.40 -7.03
C PRO A 39 1.65 13.73 -7.80
N ARG A 40 1.12 12.61 -7.27
CA ARG A 40 -0.01 11.88 -7.86
C ARG A 40 -1.29 12.25 -7.13
N VAL A 41 -1.66 13.52 -7.23
CA VAL A 41 -2.83 14.05 -6.55
C VAL A 41 -4.04 13.75 -7.44
N PRO A 42 -5.11 13.14 -6.88
CA PRO A 42 -6.29 12.91 -7.71
C PRO A 42 -6.74 14.16 -8.46
N ASN A 43 -7.19 13.98 -9.69
CA ASN A 43 -7.67 15.04 -10.60
C ASN A 43 -6.55 15.86 -11.28
N THR A 44 -5.32 15.36 -11.26
CA THR A 44 -4.22 16.03 -11.95
C THR A 44 -3.72 15.13 -13.08
N LYS A 45 -3.10 15.74 -14.09
CA LYS A 45 -2.61 14.96 -15.23
C LYS A 45 -1.48 14.00 -14.80
N GLU A 46 -0.75 14.34 -13.74
CA GLU A 46 0.36 13.51 -13.23
C GLU A 46 -0.19 12.21 -12.62
N HIS A 47 -1.30 12.33 -11.90
CA HIS A 47 -2.06 11.19 -11.42
C HIS A 47 -2.55 10.28 -12.57
N VAL A 48 -3.14 10.88 -13.61
CA VAL A 48 -3.58 10.12 -14.76
C VAL A 48 -2.41 9.35 -15.38
N ALA A 49 -1.30 10.05 -15.60
CA ALA A 49 -0.12 9.47 -16.26
C ALA A 49 0.46 8.32 -15.44
N CYS A 50 0.58 8.52 -14.13
CA CYS A 50 1.13 7.48 -13.27
C CYS A 50 0.23 6.25 -13.23
N GLY A 51 -1.09 6.44 -13.22
CA GLY A 51 -2.03 5.32 -13.30
C GLY A 51 -1.85 4.49 -14.56
N ASN A 52 -1.64 5.17 -15.68
CA ASN A 52 -1.35 4.50 -16.95
C ASN A 52 -0.05 3.68 -16.88
N TYR A 53 0.96 4.26 -16.24
CA TYR A 53 2.23 3.58 -16.02
C TYR A 53 2.05 2.28 -15.21
N LEU A 54 1.31 2.38 -14.10
CA LEU A 54 1.10 1.23 -13.21
C LEU A 54 0.32 0.13 -13.88
N ALA A 55 -0.74 0.49 -14.59
CA ALA A 55 -1.54 -0.49 -15.32
C ALA A 55 -0.71 -1.17 -16.42
N GLY A 56 0.06 -0.37 -17.14
CA GLY A 56 1.05 -0.87 -18.12
C GLY A 56 2.07 -1.83 -17.57
N LYS A 57 2.62 -1.54 -16.38
CA LYS A 57 3.62 -2.42 -15.78
C LYS A 57 2.96 -3.75 -15.39
N LEU A 58 1.75 -3.71 -14.81
CA LEU A 58 1.08 -4.94 -14.44
C LEU A 58 0.83 -5.82 -15.67
N GLU A 59 0.40 -5.20 -16.76
CA GLU A 59 0.19 -5.92 -18.03
C GLU A 59 1.50 -6.55 -18.53
N ALA A 60 2.57 -5.76 -18.51
CA ALA A 60 3.88 -6.25 -18.91
C ALA A 60 4.37 -7.39 -18.03
N PHE A 61 3.93 -7.45 -16.77
CA PHE A 61 4.23 -8.55 -15.87
C PHE A 61 3.18 -9.66 -15.86
N GLY A 62 2.39 -9.76 -16.92
CA GLY A 62 1.53 -10.92 -17.14
C GLY A 62 0.21 -10.98 -16.39
N ALA A 63 -0.14 -9.88 -15.71
CA ALA A 63 -1.36 -9.79 -14.92
C ALA A 63 -2.54 -9.52 -15.83
N LYS A 64 -3.71 -10.01 -15.43
CA LYS A 64 -4.97 -9.59 -16.03
C LYS A 64 -5.34 -8.32 -15.26
N VAL A 65 -5.46 -7.21 -15.97
CA VAL A 65 -5.69 -5.90 -15.37
C VAL A 65 -7.17 -5.53 -15.45
N THR A 66 -7.74 -5.14 -14.30
CA THR A 66 -9.09 -4.63 -14.23
C THR A 66 -8.96 -3.23 -13.64
N ASN A 67 -9.59 -2.25 -14.30
CA ASN A 67 -9.64 -0.89 -13.83
C ASN A 67 -10.99 -0.64 -13.25
N GLN A 68 -10.99 0.08 -12.14
CA GLN A 68 -12.21 0.43 -11.45
C GLN A 68 -12.16 1.92 -11.35
N TYR A 69 -12.85 2.57 -12.29
CA TYR A 69 -12.98 4.01 -12.32
C TYR A 69 -14.21 4.36 -11.50
N ALA A 70 -14.10 5.33 -10.62
CA ALA A 70 -15.23 5.71 -9.78
C ALA A 70 -15.16 7.20 -9.45
N ASP A 71 -16.33 7.84 -9.29
CA ASP A 71 -16.43 9.25 -8.88
C ASP A 71 -16.60 9.31 -7.36
N LEU A 72 -15.52 9.53 -6.61
CA LEU A 72 -15.57 9.45 -5.15
C LEU A 72 -15.64 10.85 -4.60
N ILE A 73 -16.44 11.04 -3.57
CA ILE A 73 -16.68 12.35 -2.99
C ILE A 73 -15.82 12.50 -1.73
N ALA A 74 -14.92 13.48 -1.74
CA ALA A 74 -14.01 13.74 -0.64
C ALA A 74 -14.68 14.49 0.54
N TYR A 75 -13.95 14.63 1.65
CA TYR A 75 -14.49 15.23 2.89
C TYR A 75 -15.22 16.56 2.66
N ASP A 76 -14.76 17.34 1.68
CA ASP A 76 -15.32 18.66 1.42
C ASP A 76 -16.27 18.74 0.20
N GLY A 77 -16.71 17.61 -0.32
CA GLY A 77 -17.59 17.61 -1.49
C GLY A 77 -16.89 17.50 -2.84
N THR A 78 -15.55 17.60 -2.86
CA THR A 78 -14.80 17.48 -4.12
C THR A 78 -14.98 16.07 -4.70
N LEU A 79 -15.38 16.03 -5.98
CA LEU A 79 -15.42 14.78 -6.72
C LEU A 79 -14.00 14.44 -7.15
N LEU A 80 -13.58 13.23 -6.85
CA LEU A 80 -12.26 12.73 -7.22
C LEU A 80 -12.48 11.71 -8.31
N LYS A 81 -11.87 11.92 -9.46
CA LYS A 81 -11.83 10.94 -10.54
C LYS A 81 -10.79 9.88 -10.21
N ALA A 82 -11.26 8.84 -9.51
CA ALA A 82 -10.42 7.80 -8.97
C ALA A 82 -10.34 6.61 -9.91
N ARG A 83 -9.27 5.84 -9.74
CA ARG A 83 -9.03 4.63 -10.54
C ARG A 83 -8.31 3.63 -9.65
N ASN A 84 -9.00 2.61 -9.18
CA ASN A 84 -8.32 1.47 -8.56
C ASN A 84 -7.82 0.56 -9.69
N ILE A 85 -6.66 -0.05 -9.50
CA ILE A 85 -6.01 -0.86 -10.52
C ILE A 85 -5.74 -2.23 -9.93
N ILE A 86 -6.26 -3.27 -10.56
CA ILE A 86 -6.16 -4.64 -10.03
C ILE A 86 -5.46 -5.50 -11.07
N GLY A 87 -4.37 -6.14 -10.68
CA GLY A 87 -3.69 -7.10 -11.55
C GLY A 87 -3.84 -8.47 -10.95
N SER A 88 -4.39 -9.42 -11.71
CA SER A 88 -4.74 -10.73 -11.16
C SER A 88 -3.94 -11.82 -11.85
N TYR A 89 -3.42 -12.75 -11.03
CA TYR A 89 -2.72 -13.95 -11.50
C TYR A 89 -3.60 -15.16 -11.23
N LYS A 90 -3.55 -16.13 -12.14
CA LYS A 90 -4.44 -17.28 -12.12
C LYS A 90 -5.87 -16.86 -11.77
N PRO A 91 -6.48 -16.01 -12.61
CA PRO A 91 -7.78 -15.41 -12.24
C PRO A 91 -8.95 -16.36 -12.03
N GLU A 92 -8.91 -17.57 -12.60
CA GLU A 92 -9.99 -18.51 -12.34
C GLU A 92 -9.87 -19.24 -11.01
N SER A 93 -8.71 -19.15 -10.36
CA SER A 93 -8.55 -19.75 -9.04
C SER A 93 -9.44 -19.08 -7.98
N LYS A 94 -10.04 -19.89 -7.13
CA LYS A 94 -10.89 -19.40 -6.05
C LYS A 94 -10.14 -19.33 -4.72
N LYS A 95 -8.90 -19.82 -4.69
CA LYS A 95 -8.03 -19.71 -3.53
C LYS A 95 -7.00 -18.62 -3.83
N ARG A 96 -7.11 -17.50 -3.13
CA ARG A 96 -6.40 -16.29 -3.52
C ARG A 96 -5.79 -15.59 -2.33
N ILE A 97 -4.74 -14.81 -2.62
CA ILE A 97 -4.17 -13.87 -1.66
C ILE A 97 -4.25 -12.47 -2.27
N ALA A 98 -4.75 -11.50 -1.51
CA ALA A 98 -4.81 -10.09 -1.98
C ALA A 98 -3.68 -9.28 -1.37
N LEU A 99 -2.96 -8.53 -2.22
CA LEU A 99 -1.91 -7.65 -1.79
C LEU A 99 -2.30 -6.24 -2.20
N PHE A 100 -2.27 -5.29 -1.24
CA PHE A 100 -2.79 -3.96 -1.43
C PHE A 100 -1.72 -2.86 -1.17
N ALA A 101 -1.78 -1.76 -1.92
CA ALA A 101 -1.04 -0.54 -1.60
C ALA A 101 -1.78 0.64 -2.18
N HIS A 102 -1.73 1.79 -1.53
CA HIS A 102 -2.36 2.98 -2.13
C HIS A 102 -1.35 3.67 -3.01
N TRP A 103 -1.81 4.23 -4.13
CA TRP A 103 -0.92 4.85 -5.12
C TRP A 103 -1.05 6.35 -5.27
N ASP A 104 -2.17 6.92 -4.81
CA ASP A 104 -2.31 8.39 -4.76
C ASP A 104 -1.37 9.02 -3.72
N THR A 105 -1.16 10.32 -3.84
CA THR A 105 -0.38 11.05 -2.84
C THR A 105 -1.15 12.23 -2.27
N ARG A 106 -0.76 12.60 -1.06
CA ARG A 106 -1.50 13.59 -0.29
C ARG A 106 -1.32 14.98 -0.87
N PRO A 107 -2.41 15.74 -1.06
CA PRO A 107 -2.24 17.07 -1.69
C PRO A 107 -1.70 18.18 -0.79
N TRP A 108 -1.55 17.93 0.51
CA TRP A 108 -1.10 18.92 1.48
C TRP A 108 -0.02 18.31 2.37
N ALA A 109 1.12 18.99 2.48
CA ALA A 109 2.16 18.60 3.42
C ALA A 109 1.81 19.12 4.83
N ASP A 110 0.70 18.61 5.38
CA ASP A 110 0.06 19.23 6.54
C ASP A 110 0.66 18.83 7.89
N ASN A 111 1.69 17.97 7.89
CA ASN A 111 2.50 17.73 9.09
C ASN A 111 3.87 18.36 9.01
N ASP A 112 4.12 19.21 8.00
CA ASP A 112 5.45 19.76 7.83
C ASP A 112 5.79 20.65 9.04
N ALA A 113 7.05 20.61 9.44
CA ALA A 113 7.56 21.46 10.51
C ALA A 113 7.39 22.94 10.14
N ASP A 114 7.54 23.24 8.84
CA ASP A 114 7.38 24.57 8.31
C ASP A 114 5.96 24.83 7.81
N GLU A 115 5.27 25.67 8.55
CA GLU A 115 3.86 26.06 8.27
C GLU A 115 3.63 26.58 6.82
N LYS A 116 4.65 27.18 6.20
CA LYS A 116 4.56 27.59 4.78
C LYS A 116 4.35 26.43 3.77
N ASN A 117 4.67 25.21 4.16
CA ASN A 117 4.51 24.06 3.28
C ASN A 117 3.15 23.35 3.40
N HIS A 118 2.31 23.78 4.35
CA HIS A 118 1.07 23.08 4.71
C HIS A 118 0.05 22.88 3.60
N HIS A 119 0.13 23.65 2.52
CA HIS A 119 -0.72 23.47 1.33
C HIS A 119 0.01 22.92 0.08
N THR A 120 1.23 22.42 0.23
CA THR A 120 2.03 21.94 -0.91
C THR A 120 1.88 20.42 -1.04
N PRO A 121 1.59 19.93 -2.25
CA PRO A 121 1.50 18.47 -2.44
C PRO A 121 2.83 17.78 -2.16
N ILE A 122 2.79 16.61 -1.52
CA ILE A 122 4.02 15.85 -1.26
C ILE A 122 4.38 14.93 -2.43
N LEU A 123 5.64 14.53 -2.50
CA LEU A 123 6.06 13.54 -3.52
C LEU A 123 5.63 12.10 -3.17
N GLY A 124 5.37 11.83 -1.90
CA GLY A 124 4.90 10.51 -1.50
C GLY A 124 5.77 9.34 -1.97
N ALA A 125 7.09 9.51 -1.83
CA ALA A 125 8.01 8.44 -2.14
C ALA A 125 7.78 7.24 -1.22
N ASN A 126 7.66 7.50 0.07
CA ASN A 126 7.43 6.42 1.03
C ASN A 126 5.91 6.19 1.14
N ASP A 127 5.16 7.29 1.28
CA ASP A 127 3.70 7.26 1.45
C ASP A 127 3.03 7.32 0.09
N GLY A 128 2.84 6.14 -0.49
CA GLY A 128 2.37 5.99 -1.87
C GLY A 128 3.29 5.07 -2.68
N ALA A 129 4.39 5.62 -3.14
CA ALA A 129 5.21 4.92 -4.13
C ALA A 129 5.84 3.63 -3.61
N SER A 130 6.21 3.59 -2.34
CA SER A 130 7.00 2.45 -1.81
C SER A 130 6.22 1.14 -1.81
N GLY A 131 4.97 1.17 -1.35
CA GLY A 131 4.11 -0.02 -1.35
C GLY A 131 3.85 -0.51 -2.76
N VAL A 132 3.58 0.43 -3.66
CA VAL A 132 3.30 0.09 -5.06
C VAL A 132 4.53 -0.52 -5.72
N GLY A 133 5.71 0.07 -5.45
CA GLY A 133 6.96 -0.39 -6.01
C GLY A 133 7.29 -1.80 -5.58
N ALA A 134 7.15 -2.04 -4.28
CA ALA A 134 7.39 -3.38 -3.76
C ALA A 134 6.43 -4.38 -4.42
N LEU A 135 5.14 -4.02 -4.59
CA LEU A 135 4.20 -4.97 -5.20
C LEU A 135 4.45 -5.17 -6.71
N LEU A 136 4.92 -4.16 -7.40
CA LEU A 136 5.35 -4.37 -8.80
C LEU A 136 6.50 -5.37 -8.93
N GLU A 137 7.45 -5.31 -8.00
CA GLU A 137 8.54 -6.27 -8.01
C GLU A 137 8.04 -7.69 -7.69
N ILE A 138 7.11 -7.80 -6.73
CA ILE A 138 6.43 -9.06 -6.44
C ILE A 138 5.69 -9.59 -7.68
N ALA A 139 4.99 -8.70 -8.39
CA ALA A 139 4.24 -9.09 -9.60
C ALA A 139 5.17 -9.64 -10.69
N ARG A 140 6.33 -8.99 -10.86
CA ARG A 140 7.35 -9.43 -11.81
C ARG A 140 7.80 -10.86 -11.51
N LEU A 141 7.96 -11.18 -10.22
CA LEU A 141 8.43 -12.50 -9.80
C LEU A 141 7.32 -13.55 -9.83
N VAL A 142 6.13 -13.15 -9.40
CA VAL A 142 4.96 -14.02 -9.44
C VAL A 142 4.63 -14.44 -10.88
N ASN A 143 4.90 -13.57 -11.84
CA ASN A 143 4.66 -13.88 -13.26
C ASN A 143 5.58 -14.99 -13.71
N GLN A 144 6.85 -14.83 -13.30
CA GLN A 144 7.99 -15.68 -13.64
C GLN A 144 7.88 -17.09 -13.01
N GLN A 145 7.53 -17.15 -11.73
CA GLN A 145 7.45 -18.40 -10.97
C GLN A 145 6.18 -18.38 -10.14
N GLN A 146 5.13 -19.01 -10.64
CA GLN A 146 3.81 -18.84 -10.05
C GLN A 146 3.68 -19.57 -8.72
N PRO A 147 3.18 -18.89 -7.67
CA PRO A 147 2.85 -19.62 -6.45
C PRO A 147 1.60 -20.50 -6.65
N GLU A 148 1.28 -21.30 -5.63
CA GLU A 148 0.12 -22.17 -5.74
C GLU A 148 -1.22 -21.40 -5.76
N LEU A 149 -1.35 -20.35 -4.97
CA LEU A 149 -2.60 -19.58 -4.93
C LEU A 149 -2.62 -18.50 -5.99
N GLY A 150 -3.82 -18.04 -6.33
CA GLY A 150 -3.98 -16.91 -7.21
C GLY A 150 -3.63 -15.65 -6.44
N ILE A 151 -2.87 -14.74 -7.06
CA ILE A 151 -2.46 -13.50 -6.42
C ILE A 151 -3.14 -12.32 -7.07
N ASP A 152 -3.68 -11.41 -6.25
CA ASP A 152 -4.19 -10.12 -6.73
C ASP A 152 -3.31 -8.97 -6.20
N ILE A 153 -2.87 -8.12 -7.11
CA ILE A 153 -2.13 -6.90 -6.78
C ILE A 153 -3.14 -5.78 -6.96
N ILE A 154 -3.45 -5.07 -5.88
CA ILE A 154 -4.53 -4.09 -5.91
C ILE A 154 -3.96 -2.74 -5.47
N PHE A 155 -3.92 -1.82 -6.41
CA PHE A 155 -3.48 -0.45 -6.18
C PHE A 155 -4.72 0.41 -5.95
N LEU A 156 -4.83 0.94 -4.74
CA LEU A 156 -6.02 1.66 -4.31
C LEU A 156 -5.77 3.15 -4.42
N ASP A 157 -6.73 3.85 -4.98
CA ASP A 157 -6.66 5.29 -5.19
C ASP A 157 -7.35 6.02 -4.02
N ALA A 158 -7.11 7.32 -3.93
CA ALA A 158 -7.78 8.24 -3.00
C ALA A 158 -7.76 7.79 -1.53
N GLU A 159 -6.63 7.21 -1.12
CA GLU A 159 -6.45 6.87 0.27
C GLU A 159 -6.13 8.10 1.12
N ASP A 160 -5.43 9.08 0.55
CA ASP A 160 -4.72 10.08 1.33
C ASP A 160 -5.26 11.49 1.09
N TYR A 161 -6.55 11.57 0.80
CA TYR A 161 -7.25 12.85 0.61
C TYR A 161 -8.10 13.12 1.85
N GLY A 162 -7.75 12.54 2.99
CA GLY A 162 -8.48 12.74 4.21
C GLY A 162 -8.36 14.14 4.77
N THR A 163 -9.25 14.45 5.71
CA THR A 163 -9.36 15.80 6.26
C THR A 163 -7.98 16.40 6.65
N PRO A 164 -7.61 17.58 6.10
CA PRO A 164 -6.38 18.24 6.56
C PRO A 164 -6.36 18.45 8.06
N GLN A 165 -5.17 18.40 8.66
CA GLN A 165 -5.00 18.66 10.11
C GLN A 165 -5.48 20.05 10.48
N PHE A 166 -5.28 21.00 9.57
CA PHE A 166 -5.65 22.41 9.78
C PHE A 166 -7.15 22.70 9.61
N TYR A 167 -7.92 21.74 9.10
CA TYR A 167 -9.39 21.89 9.00
C TYR A 167 -10.01 21.92 10.39
N GLU A 168 -10.86 22.92 10.62
CA GLU A 168 -11.66 23.03 11.85
C GLU A 168 -13.10 22.67 11.47
N GLY A 169 -13.63 21.65 12.14
CA GLY A 169 -14.85 20.99 11.71
C GLY A 169 -14.74 19.51 11.99
N LYS A 170 -15.63 18.72 11.40
CA LYS A 170 -15.68 17.28 11.66
C LYS A 170 -14.46 16.62 11.00
N HIS A 171 -13.86 15.64 11.69
CA HIS A 171 -12.77 14.81 11.15
C HIS A 171 -13.18 13.34 11.16
N LYS A 172 -14.00 12.96 10.18
CA LYS A 172 -14.54 11.60 10.15
C LYS A 172 -13.55 10.59 9.56
N GLU A 173 -13.49 9.41 10.16
CA GLU A 173 -12.60 8.32 9.74
C GLU A 173 -12.82 7.90 8.27
N GLU A 174 -14.08 7.99 7.82
CA GLU A 174 -14.51 7.57 6.48
C GLU A 174 -14.03 8.49 5.37
N ALA A 175 -13.46 9.66 5.73
CA ALA A 175 -12.84 10.59 4.75
C ALA A 175 -11.58 10.02 4.11
N TRP A 176 -10.92 9.12 4.83
CA TRP A 176 -9.73 8.45 4.37
C TRP A 176 -10.14 7.23 3.57
N CYS A 177 -9.23 6.69 2.79
CA CYS A 177 -9.40 5.37 2.22
C CYS A 177 -10.66 5.23 1.34
N LEU A 178 -10.90 6.23 0.51
CA LEU A 178 -12.10 6.25 -0.32
C LEU A 178 -12.08 5.15 -1.37
N GLY A 179 -10.91 4.87 -1.93
CA GLY A 179 -10.77 3.83 -2.92
C GLY A 179 -10.94 2.43 -2.36
N SER A 180 -10.42 2.19 -1.15
CA SER A 180 -10.60 0.86 -0.51
C SER A 180 -12.06 0.64 -0.08
N GLN A 181 -12.71 1.71 0.39
CA GLN A 181 -14.15 1.65 0.69
C GLN A 181 -14.92 1.28 -0.55
N TYR A 182 -14.61 1.93 -1.67
CA TYR A 182 -15.28 1.61 -2.93
C TYR A 182 -15.05 0.17 -3.36
N TRP A 183 -13.79 -0.27 -3.38
CA TRP A 183 -13.43 -1.63 -3.78
C TRP A 183 -14.05 -2.66 -2.85
N SER A 184 -14.06 -2.38 -1.56
CA SER A 184 -14.61 -3.28 -0.57
C SER A 184 -16.12 -3.49 -0.70
N ARG A 185 -16.84 -2.44 -1.11
CA ARG A 185 -18.27 -2.54 -1.42
C ARG A 185 -18.56 -3.07 -2.84
N ASN A 186 -17.63 -2.87 -3.77
CA ASN A 186 -17.82 -3.20 -5.17
C ASN A 186 -16.60 -3.98 -5.66
N PRO A 187 -16.52 -5.28 -5.33
CA PRO A 187 -15.31 -6.01 -5.76
C PRO A 187 -15.19 -6.01 -7.27
N HIS A 188 -13.95 -6.13 -7.77
CA HIS A 188 -13.68 -6.13 -9.22
C HIS A 188 -14.25 -7.34 -9.96
N VAL A 189 -14.57 -8.40 -9.23
CA VAL A 189 -15.24 -9.55 -9.82
C VAL A 189 -16.30 -10.01 -8.81
N GLN A 190 -17.47 -10.39 -9.30
CA GLN A 190 -18.54 -10.86 -8.43
C GLN A 190 -18.11 -12.10 -7.68
N GLY A 191 -18.46 -12.17 -6.41
CA GLY A 191 -18.08 -13.26 -5.54
C GLY A 191 -16.61 -13.31 -5.15
N TYR A 192 -15.90 -12.21 -5.28
CA TYR A 192 -14.46 -12.19 -4.97
C TYR A 192 -14.24 -12.67 -3.54
N ASN A 193 -13.26 -13.53 -3.35
CA ASN A 193 -12.81 -13.89 -2.01
C ASN A 193 -11.31 -14.12 -2.00
N ALA A 194 -10.70 -13.90 -0.85
CA ALA A 194 -9.27 -14.20 -0.65
C ALA A 194 -9.11 -14.81 0.71
N ARG A 195 -8.11 -15.68 0.84
CA ARG A 195 -7.80 -16.35 2.11
C ARG A 195 -7.39 -15.30 3.16
N PHE A 196 -6.56 -14.37 2.72
CA PHE A 196 -6.20 -13.21 3.51
C PHE A 196 -5.64 -12.14 2.60
N GLY A 197 -5.40 -10.99 3.22
CA GLY A 197 -4.84 -9.83 2.57
C GLY A 197 -3.65 -9.26 3.32
N ILE A 198 -2.76 -8.60 2.59
CA ILE A 198 -1.64 -7.83 3.16
C ILE A 198 -1.60 -6.46 2.50
N LEU A 199 -1.71 -5.42 3.31
CA LEU A 199 -1.57 -4.04 2.85
C LEU A 199 -0.15 -3.58 3.19
N LEU A 200 0.54 -2.97 2.22
CA LEU A 200 1.84 -2.36 2.44
C LEU A 200 1.68 -0.84 2.44
N ASP A 201 2.06 -0.17 3.51
CA ASP A 201 2.01 1.31 3.55
C ASP A 201 3.32 1.83 4.15
N MET A 202 4.05 2.67 3.41
CA MET A 202 5.31 3.25 3.88
C MET A 202 6.34 2.17 4.21
N VAL A 203 6.77 1.46 3.17
CA VAL A 203 7.64 0.29 3.33
C VAL A 203 8.99 0.50 2.70
N GLY A 204 9.40 1.75 2.51
CA GLY A 204 10.74 2.04 1.96
C GLY A 204 11.60 3.02 2.73
N GLY A 205 11.17 3.46 3.91
CA GLY A 205 11.89 4.46 4.66
C GLY A 205 13.15 3.93 5.31
N GLU A 206 14.21 4.74 5.31
CA GLU A 206 15.47 4.40 5.98
C GLU A 206 15.25 4.09 7.47
N ASN A 207 15.90 3.05 7.96
CA ASN A 207 15.82 2.67 9.39
C ASN A 207 14.42 2.31 9.93
N SER A 208 13.47 2.00 9.06
CA SER A 208 12.11 1.69 9.49
C SER A 208 12.03 0.33 10.21
N VAL A 209 11.26 0.27 11.29
CA VAL A 209 10.84 -1.02 11.90
C VAL A 209 9.32 -1.14 11.89
N PHE A 210 8.81 -2.37 11.84
CA PHE A 210 7.39 -2.61 11.68
C PHE A 210 6.90 -3.44 12.83
N LEU A 211 5.86 -2.94 13.49
CA LEU A 211 5.26 -3.59 14.65
C LEU A 211 3.87 -4.05 14.29
N LYS A 212 3.33 -4.99 15.03
CA LYS A 212 1.99 -5.50 14.77
C LYS A 212 0.93 -4.42 15.01
N GLU A 213 0.24 -4.03 13.94
CA GLU A 213 -0.67 -2.89 14.00
C GLU A 213 -2.01 -3.30 14.67
N GLY A 214 -2.67 -2.34 15.32
CA GLY A 214 -3.84 -2.64 16.17
C GLY A 214 -5.06 -3.30 15.52
N TYR A 215 -5.56 -2.71 14.45
CA TYR A 215 -6.68 -3.33 13.74
C TYR A 215 -6.28 -4.67 13.14
N SER A 216 -5.03 -4.79 12.73
CA SER A 216 -4.50 -6.06 12.21
C SER A 216 -4.59 -7.14 13.28
N GLU A 217 -4.25 -6.78 14.53
CA GLU A 217 -4.35 -7.67 15.68
C GLU A 217 -5.80 -8.00 16.06
N GLU A 218 -6.73 -7.09 15.81
CA GLU A 218 -8.15 -7.30 16.13
C GLU A 218 -8.80 -8.26 15.12
N PHE A 219 -8.58 -8.01 13.83
CA PHE A 219 -9.22 -8.75 12.74
C PHE A 219 -8.48 -9.98 12.23
N ALA A 220 -7.15 -9.95 12.29
CA ALA A 220 -6.34 -10.97 11.64
C ALA A 220 -5.05 -11.29 12.41
N PRO A 221 -5.17 -11.62 13.72
CA PRO A 221 -3.95 -11.88 14.52
C PRO A 221 -3.10 -13.07 14.02
N ASP A 222 -3.79 -14.08 13.49
CA ASP A 222 -3.16 -15.26 12.85
C ASP A 222 -2.34 -14.92 11.61
N ILE A 223 -2.78 -13.90 10.86
CA ILE A 223 -2.03 -13.43 9.70
C ILE A 223 -0.80 -12.62 10.11
N ASN A 224 -0.96 -11.76 11.11
CA ASN A 224 0.17 -11.10 11.73
C ASN A 224 1.20 -12.11 12.22
N LYS A 225 0.76 -13.17 12.87
CA LYS A 225 1.67 -14.20 13.39
C LYS A 225 2.47 -14.84 12.24
N LYS A 226 1.76 -15.18 11.17
CA LYS A 226 2.35 -15.79 9.97
C LYS A 226 3.42 -14.88 9.33
N VAL A 227 3.08 -13.62 9.15
CA VAL A 227 3.96 -12.66 8.50
C VAL A 227 5.22 -12.41 9.36
N TRP A 228 5.04 -12.19 10.67
CA TRP A 228 6.18 -11.91 11.53
C TRP A 228 7.11 -13.11 11.65
N LYS A 229 6.54 -14.30 11.66
CA LYS A 229 7.33 -15.54 11.70
C LYS A 229 8.13 -15.74 10.41
N ALA A 230 7.47 -15.52 9.28
CA ALA A 230 8.15 -15.52 7.99
C ALA A 230 9.31 -14.51 7.94
N ALA A 231 9.08 -13.29 8.42
CA ALA A 231 10.15 -12.29 8.49
C ALA A 231 11.36 -12.79 9.30
N LYS A 232 11.15 -13.39 10.47
CA LYS A 232 12.25 -13.91 11.30
C LYS A 232 13.03 -15.00 10.57
N LYS A 233 12.31 -15.92 9.97
CA LYS A 233 12.91 -17.04 9.24
C LYS A 233 13.78 -16.59 8.03
N ALA A 234 13.37 -15.48 7.41
CA ALA A 234 14.06 -14.88 6.26
C ALA A 234 15.20 -13.95 6.65
N GLY A 235 15.40 -13.73 7.95
CA GLY A 235 16.50 -12.93 8.44
C GLY A 235 16.17 -11.48 8.71
N TYR A 236 14.88 -11.13 8.79
CA TYR A 236 14.46 -9.72 8.99
C TYR A 236 13.79 -9.47 10.35
N GLY A 237 14.16 -10.27 11.36
CA GLY A 237 13.60 -10.15 12.71
C GLY A 237 13.93 -8.86 13.41
N LYS A 238 14.96 -8.15 12.95
CA LYS A 238 15.27 -6.83 13.50
C LYS A 238 14.48 -5.72 12.82
N THR A 239 13.84 -6.01 11.69
CA THR A 239 12.98 -5.04 10.99
C THR A 239 11.51 -5.28 11.33
N PHE A 240 11.08 -6.55 11.39
CA PHE A 240 9.74 -6.95 11.86
C PHE A 240 9.83 -7.36 13.32
N ILE A 241 9.59 -6.39 14.21
CA ILE A 241 9.73 -6.60 15.66
C ILE A 241 8.43 -7.21 16.17
N ASP A 242 8.53 -8.25 16.96
CA ASP A 242 7.34 -8.99 17.38
C ASP A 242 6.72 -8.33 18.61
N GLU A 243 6.23 -7.10 18.45
CA GLU A 243 5.55 -6.39 19.51
C GLU A 243 4.45 -5.60 18.86
N ARG A 244 3.48 -5.16 19.67
CA ARG A 244 2.35 -4.40 19.17
C ARG A 244 2.68 -2.92 19.08
N GLY A 245 2.17 -2.26 18.03
CA GLY A 245 2.30 -0.82 17.88
C GLY A 245 0.96 -0.13 17.93
N ASP A 246 0.82 0.91 17.14
CA ASP A 246 -0.36 1.77 17.18
C ASP A 246 -1.51 1.18 16.39
N THR A 247 -2.69 1.71 16.62
CA THR A 247 -3.87 1.40 15.81
C THR A 247 -3.98 2.51 14.79
N ILE A 248 -4.02 2.14 13.51
CA ILE A 248 -3.92 3.11 12.40
C ILE A 248 -5.10 2.94 11.46
N THR A 249 -5.83 4.03 11.21
CA THR A 249 -6.87 4.09 10.22
C THR A 249 -6.19 4.02 8.87
N ASP A 250 -6.38 2.92 8.16
CA ASP A 250 -5.75 2.74 6.85
C ASP A 250 -6.67 1.84 6.04
N ASP A 251 -6.33 1.59 4.78
CA ASP A 251 -7.17 0.81 3.88
C ASP A 251 -7.61 -0.55 4.43
N HIS A 252 -6.78 -1.21 5.22
CA HIS A 252 -7.12 -2.53 5.77
C HIS A 252 -8.32 -2.51 6.73
N LEU A 253 -8.55 -1.39 7.41
CA LEU A 253 -9.72 -1.25 8.28
C LEU A 253 -11.01 -1.48 7.50
N PHE A 254 -11.11 -0.83 6.36
CA PHE A 254 -12.31 -0.93 5.53
C PHE A 254 -12.41 -2.26 4.81
N ILE A 255 -11.27 -2.82 4.41
CA ILE A 255 -11.24 -4.13 3.77
C ILE A 255 -11.73 -5.20 4.75
N ASN A 256 -11.27 -5.13 5.99
CA ASN A 256 -11.75 -6.03 7.03
C ASN A 256 -13.23 -5.83 7.32
N ARG A 257 -13.67 -4.57 7.47
CA ARG A 257 -15.06 -4.29 7.88
C ARG A 257 -16.09 -4.56 6.80
N LEU A 258 -15.75 -4.17 5.57
CA LEU A 258 -16.69 -4.15 4.44
C LEU A 258 -16.54 -5.38 3.57
N ALA A 259 -15.34 -5.72 3.17
CA ALA A 259 -15.10 -6.91 2.31
C ALA A 259 -15.02 -8.19 3.15
N ARG A 260 -14.72 -8.07 4.45
CA ARG A 260 -14.57 -9.19 5.35
C ARG A 260 -13.42 -10.11 4.92
N ILE A 261 -12.39 -9.52 4.34
CA ILE A 261 -11.16 -10.27 4.06
C ILE A 261 -10.15 -9.94 5.16
N LYS A 262 -9.64 -10.97 5.83
CA LYS A 262 -8.69 -10.81 6.93
C LYS A 262 -7.38 -10.21 6.39
N THR A 263 -7.18 -8.93 6.67
CA THR A 263 -6.11 -8.15 6.07
C THR A 263 -5.33 -7.45 7.19
N ILE A 264 -4.00 -7.52 7.11
CA ILE A 264 -3.10 -6.81 8.02
C ILE A 264 -2.44 -5.64 7.31
N ASP A 265 -1.88 -4.71 8.08
CA ASP A 265 -1.17 -3.55 7.55
C ASP A 265 0.29 -3.67 7.97
N ILE A 266 1.18 -3.64 6.99
CA ILE A 266 2.62 -3.55 7.25
C ILE A 266 2.95 -2.07 7.14
N ILE A 267 3.16 -1.44 8.29
CA ILE A 267 3.31 0.01 8.36
C ILE A 267 4.32 0.34 9.47
N PRO A 268 5.22 1.33 9.25
CA PRO A 268 6.24 1.53 10.30
C PRO A 268 5.71 2.12 11.61
N ASN A 269 6.44 1.84 12.67
CA ASN A 269 6.20 2.49 13.94
C ASN A 269 7.52 3.08 14.40
N ASP A 270 7.59 4.39 14.51
CA ASP A 270 8.76 5.10 14.99
C ASP A 270 8.47 5.45 16.44
N PRO A 271 9.40 5.13 17.37
CA PRO A 271 9.12 5.41 18.80
C PRO A 271 9.00 6.91 19.14
N GLU A 272 9.72 7.76 18.42
CA GLU A 272 9.65 9.21 18.60
C GLU A 272 8.36 9.74 17.96
N THR A 273 8.23 9.56 16.65
CA THR A 273 7.20 10.25 15.85
C THR A 273 5.98 9.42 15.46
N GLY A 274 5.97 8.12 15.75
CA GLY A 274 4.82 7.26 15.38
C GLY A 274 4.94 6.85 13.92
N PHE A 275 4.50 7.70 13.00
CA PHE A 275 4.84 7.54 11.60
C PHE A 275 6.28 7.98 11.33
N PRO A 276 6.85 7.61 10.16
CA PRO A 276 8.21 8.10 9.85
C PRO A 276 8.28 9.64 9.90
N PRO A 277 9.45 10.18 10.26
CA PRO A 277 9.56 11.64 10.41
C PRO A 277 9.27 12.46 9.12
N THR A 278 9.35 11.84 7.94
CA THR A 278 9.00 12.48 6.68
C THR A 278 7.48 12.51 6.41
N TRP A 279 6.68 11.80 7.20
CA TRP A 279 5.25 11.59 6.92
C TRP A 279 4.48 12.89 6.78
N HIS A 280 3.84 13.07 5.62
CA HIS A 280 3.05 14.30 5.30
C HIS A 280 3.86 15.61 5.43
N THR A 281 5.14 15.53 5.05
CA THR A 281 6.06 16.67 4.92
C THR A 281 6.59 16.69 3.50
N ILE A 282 7.21 17.80 3.11
CA ILE A 282 7.81 17.91 1.79
C ILE A 282 9.08 17.08 1.66
N HIS A 283 9.53 16.45 2.74
CA HIS A 283 10.72 15.63 2.77
C HIS A 283 10.42 14.17 2.47
N ASP A 284 9.16 13.83 2.17
CA ASP A 284 8.82 12.47 1.74
C ASP A 284 9.17 12.28 0.27
N ASN A 285 10.46 12.06 0.02
CA ASN A 285 11.00 12.03 -1.34
C ASN A 285 12.07 10.94 -1.41
N MET A 286 12.75 10.79 -2.56
CA MET A 286 13.67 9.67 -2.72
C MET A 286 14.88 9.75 -1.77
N ASP A 287 15.22 10.94 -1.27
CA ASP A 287 16.37 11.07 -0.34
C ASP A 287 16.24 10.15 0.89
N HIS A 288 15.02 9.84 1.32
CA HIS A 288 14.82 9.03 2.53
C HIS A 288 14.33 7.61 2.30
N ILE A 289 14.39 7.14 1.05
CA ILE A 289 14.08 5.76 0.71
C ILE A 289 15.37 4.94 0.69
N ASP A 290 15.34 3.77 1.31
CA ASP A 290 16.45 2.83 1.38
C ASP A 290 15.93 1.54 0.74
N LYS A 291 16.61 1.06 -0.29
CA LYS A 291 16.20 -0.19 -0.93
C LYS A 291 16.26 -1.42 0.00
N ASN A 292 17.07 -1.36 1.05
CA ASN A 292 17.13 -2.43 2.04
C ASN A 292 15.82 -2.60 2.81
N THR A 293 15.10 -1.50 3.04
CA THR A 293 13.78 -1.56 3.67
C THR A 293 12.79 -2.26 2.74
N LEU A 294 12.79 -1.84 1.48
CA LEU A 294 11.97 -2.49 0.46
C LEU A 294 12.21 -4.01 0.43
N LYS A 295 13.49 -4.38 0.45
CA LYS A 295 13.92 -5.76 0.46
C LYS A 295 13.40 -6.54 1.65
N ALA A 296 13.49 -5.97 2.86
CA ALA A 296 13.03 -6.66 4.06
C ALA A 296 11.53 -6.95 3.97
N VAL A 297 10.79 -5.95 3.55
CA VAL A 297 9.33 -6.10 3.44
C VAL A 297 8.98 -7.05 2.28
N GLY A 298 9.58 -6.82 1.12
CA GLY A 298 9.25 -7.58 -0.08
C GLY A 298 9.59 -9.04 0.02
N GLN A 299 10.79 -9.36 0.51
CA GLN A 299 11.16 -10.74 0.70
C GLN A 299 10.24 -11.46 1.71
N THR A 300 9.88 -10.77 2.78
CA THR A 300 8.94 -11.29 3.77
C THR A 300 7.60 -11.63 3.12
N VAL A 301 7.07 -10.72 2.29
CA VAL A 301 5.80 -10.98 1.59
C VAL A 301 5.95 -12.20 0.64
N LEU A 302 7.09 -12.32 -0.05
CA LEU A 302 7.31 -13.49 -0.94
C LEU A 302 7.33 -14.80 -0.15
N GLU A 303 7.98 -14.77 1.00
CA GLU A 303 8.09 -15.93 1.85
C GLU A 303 6.69 -16.40 2.31
N VAL A 304 5.82 -15.46 2.66
CA VAL A 304 4.43 -15.78 3.01
C VAL A 304 3.62 -16.35 1.84
N ILE A 305 3.59 -15.65 0.71
CA ILE A 305 2.70 -16.07 -0.38
C ILE A 305 3.16 -17.39 -1.03
N TYR A 306 4.47 -17.62 -1.11
CA TYR A 306 4.97 -18.86 -1.71
C TYR A 306 4.78 -20.07 -0.79
N ASN A 307 4.64 -19.84 0.53
CA ASN A 307 4.40 -20.94 1.47
C ASN A 307 2.93 -21.26 1.76
N GLU A 308 1.99 -20.54 1.13
CA GLU A 308 0.58 -20.93 1.19
C GLU A 308 0.33 -22.09 0.21
N LYS A 309 -0.46 -23.07 0.65
CA LYS A 309 -0.74 -24.31 -0.12
C LYS A 309 -2.25 -24.47 -0.37
#